data_4RWF
#
_entry.id   4RWF
#
_cell.length_a   71.454
_cell.length_b   84.283
_cell.length_c   115.764
_cell.angle_alpha   90.00
_cell.angle_beta   90.00
_cell.angle_gamma   90.00
#
_symmetry.space_group_name_H-M   'P 21 21 21'
#
loop_
_entity.id
_entity.type
_entity.pdbx_description
1 polymer 'Maltose transporter subunit, Receptor activity-modifying protein 2, Calcitonin gene-related peptide type 1 receptor fusion protein'
2 polymer Adrenomedullin
3 branched alpha-D-glucopyranose-(1-4)-alpha-D-glucopyranose
4 non-polymer 1,2-ETHANEDIOL
5 water water
#
loop_
_entity_poly.entity_id
_entity_poly.type
_entity_poly.pdbx_seq_one_letter_code
_entity_poly.pdbx_strand_id
1 'polypeptide(L)'
;MAKIEEGKLVIWINGDKGYNGLAEVGKKFEKDTGIKVTVEHPDKLEEKFPQVAATGDGPDIIFWAHDRFGGYAQSGLLAE
ITPDKAFQDKLYPFTWDAVRYNGKLIAYPIAVEALSLIYNKDLLPNPPKTWEEIPALDKELKAKGKSALMFNLQEPYFTW
PLIAADGGYAFKYENGKYDIKDVGVDNAGAKAGLTFLVDLIKNKHMNADTDYSIAEAAFNKGETAMTINGPWAWSNIDTS
KVNYGVTVLPTFKGQPSKPFVGVLSAGINAASPNKELAKEFLENYLLTDEGLEAVNKDKPLGAVALKSYEEELAKDPRIA
ATMENAQKGEIMPNIPQMSAFWYAVRTAVINAASGRQTVDEALKDAQTNAAAEFGGTVKNYETAVQFCWNHYKDQMDPIE
KDWCDWAMISRPYSTLRDCLEHFAERFDLGFPNPLAERIIFETHQIHFANCSLVQPTFSDGSAGSAGSAEDSIQLGVTRN
KIMTAQYECYQKIMQDPIQQAEGVYCNRTWDGWLCWNDVAAGTESMQLCPDYFQDFDPSEKVTKICDQDGNWFRHPASNR
TWTNYTQCNVNTHEKVKTALNLFYLHHHHHH
;
A
2 'polypeptide(L)' KLAHQIYQFTDKDKDNVAPRSKISPQGY(NH2) B
#
loop_
_chem_comp.id
_chem_comp.type
_chem_comp.name
_chem_comp.formula
EDO non-polymer 1,2-ETHANEDIOL 'C2 H6 O2'
GLC D-saccharide, alpha linking alpha-D-glucopyranose 'C6 H12 O6'
NH2 non-polymer 'AMINO GROUP' 'H2 N'
#
# COMPACT_ATOMS: atom_id res chain seq x y z
N LYS A 3 26.21 1.14 -13.01
CA LYS A 3 26.36 2.34 -13.89
C LYS A 3 25.30 2.32 -14.97
N ILE A 4 24.79 3.49 -15.30
CA ILE A 4 23.84 3.63 -16.39
C ILE A 4 24.67 3.82 -17.64
N GLU A 5 24.32 3.09 -18.68
CA GLU A 5 25.12 3.09 -19.90
C GLU A 5 24.88 4.37 -20.76
N GLU A 6 25.94 5.01 -21.22
CA GLU A 6 25.84 6.21 -22.03
C GLU A 6 25.51 5.85 -23.49
N GLY A 7 24.82 6.74 -24.19
CA GLY A 7 24.55 6.53 -25.60
C GLY A 7 23.28 5.79 -25.93
N LYS A 8 22.46 5.57 -24.91
CA LYS A 8 21.12 5.05 -25.08
C LYS A 8 20.17 5.49 -23.96
N LEU A 9 18.90 5.14 -24.07
CA LEU A 9 17.92 5.52 -23.06
C LEU A 9 17.15 4.31 -22.60
N VAL A 10 17.06 4.16 -21.29
CA VAL A 10 16.26 3.16 -20.63
C VAL A 10 15.16 3.88 -19.90
N ILE A 11 13.93 3.42 -20.08
CA ILE A 11 12.78 4.12 -19.57
C ILE A 11 11.98 3.14 -18.76
N TRP A 12 11.55 3.57 -17.57
CA TRP A 12 10.64 2.80 -16.79
C TRP A 12 9.30 3.41 -16.71
N ILE A 13 8.24 2.59 -16.81
CA ILE A 13 6.85 3.05 -16.77
C ILE A 13 5.97 1.92 -16.20
N ASN A 14 4.84 2.25 -15.59
CA ASN A 14 4.10 1.19 -14.90
C ASN A 14 3.40 0.27 -15.88
N GLY A 15 3.16 -0.97 -15.42
CA GLY A 15 2.57 -2.00 -16.27
C GLY A 15 1.10 -1.80 -16.68
N ASP A 16 0.38 -0.82 -16.13
CA ASP A 16 -0.96 -0.52 -16.63
C ASP A 16 -1.04 0.53 -17.73
N LYS A 17 0.10 1.10 -18.07
CA LYS A 17 0.16 2.15 -19.07
C LYS A 17 0.56 1.60 -20.46
N GLY A 18 0.49 2.50 -21.44
CA GLY A 18 0.73 2.13 -22.82
C GLY A 18 2.20 2.04 -23.21
N TYR A 19 2.93 1.10 -22.60
CA TYR A 19 4.33 0.91 -22.88
C TYR A 19 4.68 0.43 -24.28
N ASN A 20 3.80 -0.30 -24.93
CA ASN A 20 4.05 -0.66 -26.31
C ASN A 20 3.99 0.55 -27.23
N GLY A 21 3.07 1.46 -26.93
CA GLY A 21 2.93 2.69 -27.70
C GLY A 21 4.14 3.58 -27.46
N LEU A 22 4.61 3.60 -26.22
CA LEU A 22 5.79 4.39 -25.86
C LEU A 22 7.00 3.79 -26.59
N ALA A 23 7.06 2.47 -26.73
CA ALA A 23 8.17 1.90 -27.48
C ALA A 23 8.21 2.31 -28.97
N GLU A 24 7.04 2.52 -29.56
CA GLU A 24 6.94 3.04 -30.92
C GLU A 24 7.50 4.46 -31.02
N VAL A 25 7.30 5.27 -29.98
CA VAL A 25 7.94 6.56 -29.88
C VAL A 25 9.46 6.36 -29.81
N GLY A 26 9.90 5.39 -29.03
CA GLY A 26 11.32 5.07 -28.98
C GLY A 26 11.90 4.67 -30.32
N LYS A 27 11.10 3.96 -31.08
CA LYS A 27 11.49 3.55 -32.43
C LYS A 27 11.73 4.71 -33.37
N LYS A 28 10.83 5.68 -33.33
CA LYS A 28 10.99 6.89 -34.09
C LYS A 28 12.27 7.61 -33.67
N PHE A 29 12.53 7.69 -32.38
CA PHE A 29 13.75 8.38 -31.88
C PHE A 29 15.01 7.71 -32.42
N GLU A 30 14.98 6.37 -32.43
CA GLU A 30 16.18 5.64 -32.84
C GLU A 30 16.41 5.77 -34.35
N LYS A 31 15.33 5.72 -35.10
CA LYS A 31 15.40 6.03 -36.54
C LYS A 31 16.12 7.33 -36.82
N ASP A 32 15.77 8.38 -36.07
CA ASP A 32 16.33 9.73 -36.32
C ASP A 32 17.75 9.98 -35.77
N THR A 33 18.05 9.37 -34.60
CA THR A 33 19.21 9.70 -33.81
C THR A 33 20.16 8.56 -33.66
N GLY A 34 19.69 7.37 -34.01
CA GLY A 34 20.48 6.13 -33.85
C GLY A 34 20.54 5.61 -32.41
N ILE A 35 19.87 6.35 -31.52
CA ILE A 35 19.89 6.06 -30.11
C ILE A 35 18.73 5.09 -29.78
N LYS A 36 19.09 3.94 -29.21
CA LYS A 36 18.12 2.88 -28.90
C LYS A 36 17.45 3.22 -27.60
N VAL A 37 16.13 3.03 -27.60
CA VAL A 37 15.31 3.35 -26.43
C VAL A 37 14.70 2.00 -25.97
N THR A 38 14.96 1.61 -24.72
CA THR A 38 14.37 0.38 -24.16
C THR A 38 13.32 0.72 -23.11
N VAL A 39 12.09 0.23 -23.25
CA VAL A 39 11.04 0.56 -22.29
C VAL A 39 10.82 -0.70 -21.45
N GLU A 40 10.83 -0.52 -20.15
CA GLU A 40 10.59 -1.59 -19.16
C GLU A 40 9.48 -1.18 -18.23
N HIS A 41 8.85 -2.19 -17.60
CA HIS A 41 7.76 -1.95 -16.68
C HIS A 41 7.92 -2.89 -15.47
N PRO A 42 8.98 -2.68 -14.68
CA PRO A 42 9.20 -3.53 -13.49
C PRO A 42 8.04 -3.48 -12.53
N ASP A 43 7.89 -4.57 -11.78
CA ASP A 43 6.94 -4.59 -10.66
C ASP A 43 7.44 -3.66 -9.56
N LYS A 44 6.50 -3.05 -8.90
CA LYS A 44 6.75 -2.10 -7.79
C LYS A 44 7.76 -1.01 -8.16
N LEU A 45 7.63 -0.42 -9.37
CA LEU A 45 8.70 0.41 -9.82
C LEU A 45 8.84 1.69 -8.97
N GLU A 46 7.75 2.11 -8.41
CA GLU A 46 7.80 3.37 -7.57
C GLU A 46 8.65 3.16 -6.32
N GLU A 47 8.80 1.92 -5.92
CA GLU A 47 9.72 1.51 -4.84
C GLU A 47 11.11 1.12 -5.35
N LYS A 48 11.18 0.38 -6.44
CA LYS A 48 12.41 -0.02 -7.07
C LYS A 48 13.28 1.20 -7.54
N PHE A 49 12.64 2.25 -8.07
CA PHE A 49 13.35 3.41 -8.55
C PHE A 49 14.23 4.02 -7.49
N PRO A 50 13.67 4.38 -6.29
CA PRO A 50 14.56 4.99 -5.36
C PRO A 50 15.61 4.06 -4.80
N GLN A 51 15.34 2.77 -4.79
CA GLN A 51 16.42 1.85 -4.37
C GLN A 51 17.60 1.69 -5.26
N VAL A 52 17.37 1.60 -6.57
CA VAL A 52 18.45 1.44 -7.51
C VAL A 52 19.11 2.78 -7.82
N ALA A 53 18.32 3.85 -7.98
CA ALA A 53 18.88 5.16 -8.24
C ALA A 53 19.73 5.72 -7.10
N ALA A 54 19.49 5.23 -5.90
CA ALA A 54 20.22 5.71 -4.72
C ALA A 54 21.65 5.29 -4.88
N THR A 55 21.87 4.16 -5.56
CA THR A 55 23.25 3.73 -5.88
C THR A 55 23.78 4.24 -7.22
N GLY A 56 23.11 5.18 -7.87
CA GLY A 56 23.59 5.72 -9.17
C GLY A 56 23.27 4.86 -10.40
N ASP A 57 22.33 3.94 -10.23
CA ASP A 57 21.88 2.99 -11.24
C ASP A 57 20.39 3.32 -11.61
N GLY A 58 19.76 2.47 -12.41
CA GLY A 58 18.34 2.62 -12.76
C GLY A 58 18.13 3.18 -14.17
N PRO A 59 16.90 3.54 -14.48
CA PRO A 59 16.61 4.03 -15.79
C PRO A 59 17.08 5.45 -15.98
N ASP A 60 17.24 5.88 -17.22
CA ASP A 60 17.49 7.30 -17.49
C ASP A 60 16.22 8.11 -17.22
N ILE A 61 15.07 7.53 -17.53
CA ILE A 61 13.80 8.24 -17.41
C ILE A 61 12.81 7.37 -16.61
N ILE A 62 12.16 7.98 -15.58
CA ILE A 62 11.15 7.32 -14.75
C ILE A 62 9.80 8.02 -14.93
N PHE A 63 8.77 7.26 -15.31
CA PHE A 63 7.40 7.70 -15.35
C PHE A 63 6.62 7.20 -14.09
N TRP A 64 5.93 8.11 -13.44
CA TRP A 64 4.92 7.79 -12.45
C TRP A 64 3.96 8.97 -12.32
N ALA A 65 2.86 8.83 -11.61
CA ALA A 65 2.17 9.98 -11.16
C ALA A 65 3.06 10.91 -10.34
N HIS A 66 2.77 12.19 -10.44
CA HIS A 66 3.57 13.24 -9.85
C HIS A 66 3.74 13.12 -8.35
N ASP A 67 2.84 12.43 -7.65
CA ASP A 67 2.88 12.38 -6.19
C ASP A 67 4.16 11.82 -5.61
N ARG A 68 4.82 10.90 -6.32
CA ARG A 68 6.08 10.33 -5.80
C ARG A 68 7.33 11.17 -6.01
N PHE A 69 7.24 12.21 -6.84
CA PHE A 69 8.43 12.89 -7.30
C PHE A 69 9.12 13.81 -6.32
N GLY A 70 8.40 14.39 -5.39
CA GLY A 70 9.08 15.21 -4.40
C GLY A 70 10.00 14.43 -3.52
N GLY A 71 9.56 13.23 -3.12
CA GLY A 71 10.43 12.35 -2.34
C GLY A 71 11.70 11.97 -3.10
N TYR A 72 11.55 11.66 -4.39
CA TYR A 72 12.69 11.39 -5.22
C TYR A 72 13.65 12.60 -5.25
N ALA A 73 13.11 13.79 -5.45
CA ALA A 73 13.90 15.00 -5.51
C ALA A 73 14.66 15.23 -4.19
N GLN A 74 13.97 15.03 -3.08
CA GLN A 74 14.58 15.15 -1.75
C GLN A 74 15.72 14.17 -1.51
N SER A 75 15.60 12.99 -2.06
CA SER A 75 16.61 11.98 -2.02
C SER A 75 17.75 12.26 -3.04
N GLY A 76 17.72 13.35 -3.81
CA GLY A 76 18.81 13.68 -4.74
C GLY A 76 18.78 12.81 -6.00
N LEU A 77 17.65 12.20 -6.29
CA LEU A 77 17.60 11.22 -7.44
C LEU A 77 17.22 11.78 -8.81
N LEU A 78 16.82 13.06 -8.89
CA LEU A 78 16.23 13.63 -10.11
C LEU A 78 17.06 14.82 -10.60
N ALA A 79 17.27 14.92 -11.90
CA ALA A 79 17.80 16.16 -12.52
C ALA A 79 16.72 17.25 -12.57
N GLU A 80 17.04 18.54 -12.34
CA GLU A 80 16.00 19.60 -12.46
C GLU A 80 15.84 19.71 -13.97
N ILE A 81 14.64 19.88 -14.46
CA ILE A 81 14.49 19.94 -15.87
C ILE A 81 14.45 21.45 -16.24
N THR A 82 14.80 21.74 -17.48
CA THR A 82 15.11 23.10 -17.95
C THR A 82 14.33 23.46 -19.25
N PRO A 83 12.99 23.24 -19.29
CA PRO A 83 12.33 23.53 -20.57
C PRO A 83 12.32 25.03 -20.76
N ASP A 84 12.45 25.50 -21.98
CA ASP A 84 12.31 26.94 -22.15
C ASP A 84 10.86 27.43 -22.08
N LYS A 85 10.75 28.74 -22.04
CA LYS A 85 9.46 29.41 -22.08
C LYS A 85 8.56 28.92 -23.20
N ALA A 86 9.08 28.82 -24.41
CA ALA A 86 8.24 28.39 -25.56
C ALA A 86 7.69 26.96 -25.32
N PHE A 87 8.54 26.07 -24.83
CA PHE A 87 8.11 24.73 -24.53
C PHE A 87 7.08 24.72 -23.40
N GLN A 88 7.31 25.45 -22.31
CA GLN A 88 6.35 25.44 -21.18
C GLN A 88 4.95 25.87 -21.60
N ASP A 89 4.89 26.82 -22.52
CA ASP A 89 3.62 27.33 -23.03
C ASP A 89 2.78 26.30 -23.76
N LYS A 90 3.41 25.20 -24.18
CA LYS A 90 2.69 24.14 -24.92
C LYS A 90 1.89 23.22 -24.02
N LEU A 91 2.17 23.30 -22.73
CA LEU A 91 1.43 22.51 -21.73
C LEU A 91 0.62 23.36 -20.76
N TYR A 92 -0.47 22.78 -20.23
CA TYR A 92 -1.34 23.55 -19.32
C TYR A 92 -0.59 23.92 -18.04
N PRO A 93 -0.67 25.20 -17.63
CA PRO A 93 -0.06 25.66 -16.35
C PRO A 93 -0.34 24.77 -15.15
N PHE A 94 -1.55 24.28 -15.01
CA PHE A 94 -1.80 23.46 -13.83
C PHE A 94 -1.08 22.12 -13.84
N THR A 95 -0.71 21.60 -15.02
CA THR A 95 0.09 20.37 -15.07
C THR A 95 1.53 20.68 -14.66
N TRP A 96 2.07 21.84 -15.02
CA TRP A 96 3.39 22.27 -14.48
C TRP A 96 3.38 22.42 -12.96
N ASP A 97 2.26 22.89 -12.43
CA ASP A 97 2.15 23.11 -11.00
C ASP A 97 2.27 21.76 -10.30
N ALA A 98 1.68 20.69 -10.84
CA ALA A 98 1.79 19.36 -10.23
C ALA A 98 3.23 18.88 -10.10
N VAL A 99 4.12 19.31 -11.00
CA VAL A 99 5.52 18.86 -10.95
C VAL A 99 6.47 19.95 -10.41
N ARG A 100 5.92 20.94 -9.72
CA ARG A 100 6.73 21.99 -9.17
C ARG A 100 6.85 21.77 -7.65
N TYR A 101 8.08 21.68 -7.15
CA TYR A 101 8.34 21.27 -5.78
C TYR A 101 9.44 22.22 -5.26
N ASN A 102 9.21 22.93 -4.16
CA ASN A 102 10.14 23.95 -3.69
C ASN A 102 10.45 24.95 -4.75
N GLY A 103 9.49 25.27 -5.61
CA GLY A 103 9.71 26.23 -6.59
C GLY A 103 10.45 25.78 -7.85
N LYS A 104 10.78 24.52 -7.94
CA LYS A 104 11.52 24.00 -9.11
C LYS A 104 10.71 22.93 -9.85
N LEU A 105 10.92 22.85 -11.15
CA LEU A 105 10.28 21.79 -11.96
C LEU A 105 11.13 20.49 -11.80
N ILE A 106 10.49 19.38 -11.44
CA ILE A 106 11.24 18.18 -11.15
C ILE A 106 10.92 17.04 -12.15
N ALA A 107 10.00 17.32 -13.06
CA ALA A 107 9.59 16.32 -14.05
C ALA A 107 8.78 17.00 -15.14
N TYR A 108 8.63 16.31 -16.27
CA TYR A 108 7.70 16.71 -17.30
C TYR A 108 6.32 16.09 -17.14
N PRO A 109 5.28 16.93 -17.10
CA PRO A 109 3.92 16.43 -17.03
C PRO A 109 3.44 15.87 -18.37
N ILE A 110 2.73 14.73 -18.31
CA ILE A 110 2.29 14.04 -19.48
C ILE A 110 0.76 14.05 -19.63
N ALA A 111 0.04 13.67 -18.58
CA ALA A 111 -1.38 13.50 -18.66
C ALA A 111 -2.06 13.45 -17.30
N VAL A 112 -3.27 13.97 -17.28
CA VAL A 112 -4.14 14.03 -16.08
C VAL A 112 -5.06 12.83 -16.02
N GLU A 113 -4.94 12.13 -14.88
CA GLU A 113 -5.70 10.89 -14.58
C GLU A 113 -6.65 11.13 -13.41
N ALA A 114 -7.88 10.63 -13.53
CA ALA A 114 -8.71 10.55 -12.34
C ALA A 114 -9.57 9.31 -12.48
N LEU A 115 -9.95 8.73 -11.36
CA LEU A 115 -10.87 7.60 -11.36
C LEU A 115 -12.30 8.09 -11.78
N SER A 116 -13.02 7.21 -12.49
CA SER A 116 -14.44 7.36 -12.73
C SER A 116 -15.21 6.08 -12.33
N LEU A 117 -16.52 6.22 -12.40
CA LEU A 117 -17.42 5.10 -12.23
C LEU A 117 -17.59 4.57 -13.67
N ILE A 118 -17.26 3.30 -13.87
CA ILE A 118 -17.45 2.61 -15.14
C ILE A 118 -18.56 1.63 -14.97
N TYR A 119 -19.56 1.68 -15.86
CA TYR A 119 -20.77 0.83 -15.67
C TYR A 119 -21.17 0.13 -16.93
N ASN A 120 -21.84 -1.01 -16.75
CA ASN A 120 -22.26 -1.87 -17.81
C ASN A 120 -23.71 -1.48 -18.19
N LYS A 121 -23.87 -0.83 -19.34
CA LYS A 121 -25.20 -0.32 -19.78
C LYS A 121 -26.28 -1.39 -19.97
N ASP A 122 -25.86 -2.59 -20.32
CA ASP A 122 -26.75 -3.72 -20.45
C ASP A 122 -27.28 -4.29 -19.12
N LEU A 123 -26.53 -4.07 -18.05
CA LEU A 123 -26.98 -4.50 -16.75
C LEU A 123 -27.66 -3.36 -15.98
N LEU A 124 -27.18 -2.13 -16.19
CA LEU A 124 -27.52 -1.00 -15.38
C LEU A 124 -27.57 0.25 -16.27
N PRO A 125 -28.70 0.48 -16.93
CA PRO A 125 -28.71 1.64 -17.82
C PRO A 125 -28.68 2.98 -17.09
N ASN A 126 -29.20 3.05 -15.87
CA ASN A 126 -29.16 4.26 -15.05
C ASN A 126 -28.40 3.95 -13.79
N PRO A 127 -27.11 4.24 -13.77
CA PRO A 127 -26.28 3.87 -12.62
C PRO A 127 -26.62 4.73 -11.41
N PRO A 128 -26.29 4.25 -10.22
CA PRO A 128 -26.72 4.90 -9.00
C PRO A 128 -25.96 6.20 -8.77
N LYS A 129 -26.70 7.22 -8.33
CA LYS A 129 -26.08 8.50 -8.02
C LYS A 129 -25.40 8.51 -6.65
N THR A 130 -25.77 7.60 -5.76
CA THR A 130 -25.27 7.60 -4.39
C THR A 130 -24.65 6.25 -4.04
N TRP A 131 -23.68 6.29 -3.12
CA TRP A 131 -23.10 5.07 -2.55
C TRP A 131 -24.16 4.35 -1.74
N GLU A 132 -25.04 5.12 -1.09
CA GLU A 132 -26.04 4.54 -0.15
C GLU A 132 -27.01 3.57 -0.86
N GLU A 133 -27.28 3.77 -2.14
CA GLU A 133 -28.18 2.86 -2.84
C GLU A 133 -27.50 1.58 -3.41
N ILE A 134 -26.21 1.42 -3.17
CA ILE A 134 -25.50 0.29 -3.74
C ILE A 134 -25.83 -1.01 -3.06
N PRO A 135 -25.98 -1.03 -1.72
CA PRO A 135 -26.45 -2.29 -1.13
C PRO A 135 -27.73 -2.88 -1.72
N ALA A 136 -28.78 -2.06 -1.86
CA ALA A 136 -30.10 -2.56 -2.30
C ALA A 136 -29.97 -3.01 -3.72
N LEU A 137 -29.24 -2.25 -4.50
CA LEU A 137 -28.93 -2.62 -5.88
C LEU A 137 -28.20 -3.94 -6.02
N ASP A 138 -27.20 -4.16 -5.20
CA ASP A 138 -26.48 -5.43 -5.21
C ASP A 138 -27.44 -6.61 -4.90
N LYS A 139 -28.32 -6.42 -3.94
CA LYS A 139 -29.34 -7.45 -3.58
C LYS A 139 -30.17 -7.93 -4.80
N GLU A 140 -30.62 -6.96 -5.60
CA GLU A 140 -31.38 -7.18 -6.86
C GLU A 140 -30.53 -7.94 -7.82
N LEU A 141 -29.28 -7.47 -7.96
CA LEU A 141 -28.38 -8.05 -8.96
C LEU A 141 -27.98 -9.44 -8.59
N LYS A 142 -27.75 -9.69 -7.30
CA LYS A 142 -27.41 -11.02 -6.82
C LYS A 142 -28.52 -12.03 -7.14
N ALA A 143 -29.77 -11.60 -7.12
CA ALA A 143 -30.92 -12.44 -7.52
C ALA A 143 -30.83 -12.90 -8.96
N LYS A 144 -30.08 -12.15 -9.75
CA LYS A 144 -29.88 -12.50 -11.14
C LYS A 144 -28.51 -13.02 -11.45
N GLY A 145 -27.75 -13.40 -10.44
CA GLY A 145 -26.44 -13.96 -10.66
C GLY A 145 -25.37 -12.93 -10.98
N LYS A 146 -25.62 -11.66 -10.67
CA LYS A 146 -24.64 -10.59 -10.95
C LYS A 146 -24.28 -9.86 -9.63
N SER A 147 -23.32 -8.96 -9.65
CA SER A 147 -23.08 -8.12 -8.47
C SER A 147 -23.13 -6.63 -8.89
N ALA A 148 -23.29 -5.72 -7.93
CA ALA A 148 -23.33 -4.27 -8.30
C ALA A 148 -21.97 -3.68 -8.65
N LEU A 149 -20.97 -3.96 -7.80
CA LEU A 149 -19.75 -3.18 -7.85
C LEU A 149 -18.56 -4.05 -7.49
N MET A 150 -17.56 -4.06 -8.35
CA MET A 150 -16.23 -4.56 -7.96
C MET A 150 -15.12 -3.68 -8.44
N PHE A 151 -14.23 -3.37 -7.51
CA PHE A 151 -13.04 -2.59 -7.77
C PHE A 151 -11.87 -2.98 -6.83
N ASN A 152 -10.71 -2.53 -7.20
CA ASN A 152 -9.45 -2.89 -6.49
C ASN A 152 -9.46 -2.41 -5.05
N LEU A 153 -9.63 -3.29 -4.09
CA LEU A 153 -9.58 -2.87 -2.71
C LEU A 153 -8.16 -2.87 -2.14
N GLN A 154 -7.19 -3.39 -2.86
CA GLN A 154 -5.84 -3.54 -2.30
C GLN A 154 -5.01 -2.27 -2.35
N GLU A 155 -5.37 -1.34 -3.27
CA GLU A 155 -4.60 -0.09 -3.39
C GLU A 155 -5.47 1.06 -2.91
N PRO A 156 -4.93 1.85 -1.97
CA PRO A 156 -5.76 2.90 -1.38
C PRO A 156 -6.15 4.00 -2.34
N TYR A 157 -5.44 4.12 -3.45
CA TYR A 157 -5.94 5.01 -4.54
C TYR A 157 -7.44 4.87 -4.85
N PHE A 158 -7.91 3.63 -4.83
CA PHE A 158 -9.26 3.31 -5.33
C PHE A 158 -10.29 3.52 -4.25
N THR A 159 -9.88 3.36 -3.00
CA THR A 159 -10.81 3.60 -1.87
C THR A 159 -10.81 5.02 -1.31
N TRP A 160 -9.72 5.77 -1.52
CA TRP A 160 -9.66 7.16 -1.11
C TRP A 160 -10.85 8.06 -1.58
N PRO A 161 -11.40 7.87 -2.79
CA PRO A 161 -12.49 8.77 -3.13
C PRO A 161 -13.65 8.78 -2.10
N LEU A 162 -13.98 7.60 -1.59
CA LEU A 162 -15.06 7.44 -0.62
C LEU A 162 -14.59 7.94 0.73
N ILE A 163 -13.35 7.60 1.10
CA ILE A 163 -12.83 8.01 2.41
C ILE A 163 -12.74 9.52 2.51
N ALA A 164 -12.38 10.19 1.39
CA ALA A 164 -12.32 11.65 1.40
C ALA A 164 -13.67 12.41 1.37
N ALA A 165 -14.69 11.73 0.86
CA ALA A 165 -15.96 12.38 0.52
C ALA A 165 -16.56 13.23 1.62
N ASP A 166 -16.66 12.66 2.81
CA ASP A 166 -17.23 13.30 3.96
C ASP A 166 -16.22 14.03 4.83
N GLY A 167 -14.96 14.07 4.43
CA GLY A 167 -14.01 14.96 5.12
C GLY A 167 -12.60 14.46 5.38
N GLY A 168 -12.26 13.25 4.89
CA GLY A 168 -10.88 12.76 4.94
C GLY A 168 -10.01 13.61 4.03
N TYR A 169 -8.72 13.80 4.42
CA TYR A 169 -7.80 14.54 3.60
C TYR A 169 -6.37 14.11 3.96
N ALA A 170 -5.42 14.34 3.07
CA ALA A 170 -4.01 14.02 3.39
C ALA A 170 -3.48 15.27 4.12
N PHE A 171 -3.27 16.37 3.38
CA PHE A 171 -2.74 17.58 3.91
C PHE A 171 -3.56 18.67 3.13
N LYS A 172 -3.59 19.79 3.67
CA LYS A 172 -4.28 20.98 3.02
C LYS A 172 -3.27 21.93 2.43
N TYR A 173 -3.44 22.25 1.16
CA TYR A 173 -2.58 23.20 0.48
C TYR A 173 -3.12 24.62 0.72
N GLU A 174 -2.56 25.42 1.66
CA GLU A 174 -3.05 26.79 1.93
C GLU A 174 -1.95 27.80 1.76
N ASN A 175 -2.18 28.85 0.95
CA ASN A 175 -1.22 29.88 0.79
C ASN A 175 0.13 29.36 0.30
N GLY A 176 0.08 28.38 -0.53
CA GLY A 176 1.24 27.82 -1.24
C GLY A 176 2.03 26.83 -0.40
N LYS A 177 1.54 26.48 0.80
CA LYS A 177 2.34 25.61 1.72
C LYS A 177 1.47 24.48 2.28
N TYR A 178 2.11 23.37 2.61
CA TYR A 178 1.52 22.24 3.31
C TYR A 178 2.09 22.17 4.76
N ASP A 179 1.20 22.14 5.74
CA ASP A 179 1.51 21.91 7.15
C ASP A 179 1.36 20.40 7.35
N ILE A 180 2.47 19.68 7.45
CA ILE A 180 2.36 18.24 7.52
C ILE A 180 1.97 17.76 8.91
N LYS A 181 1.76 18.67 9.86
CA LYS A 181 1.21 18.31 11.15
C LYS A 181 -0.28 18.23 11.12
N ASP A 182 -0.92 18.75 10.10
CA ASP A 182 -2.37 18.78 10.02
C ASP A 182 -2.79 17.73 8.99
N VAL A 183 -3.09 16.53 9.52
CA VAL A 183 -3.38 15.32 8.67
C VAL A 183 -4.85 14.91 8.87
N GLY A 184 -5.49 14.42 7.79
CA GLY A 184 -6.93 14.19 7.80
C GLY A 184 -7.26 12.75 7.56
N VAL A 185 -6.43 11.88 8.09
CA VAL A 185 -6.69 10.42 8.00
C VAL A 185 -7.53 9.93 9.13
N ASP A 186 -7.24 10.39 10.35
CA ASP A 186 -7.97 9.99 11.54
C ASP A 186 -8.93 11.14 11.86
N ASN A 187 -10.07 11.20 11.20
CA ASN A 187 -11.09 12.24 11.44
C ASN A 187 -12.45 11.68 11.16
N ALA A 188 -13.51 12.40 11.52
CA ALA A 188 -14.86 11.85 11.46
C ALA A 188 -15.25 11.49 10.02
N GLY A 189 -14.82 12.29 9.07
CA GLY A 189 -15.25 12.07 7.72
C GLY A 189 -14.59 10.84 7.09
N ALA A 190 -13.32 10.67 7.36
CA ALA A 190 -12.61 9.46 6.96
C ALA A 190 -13.22 8.27 7.61
N LYS A 191 -13.53 8.36 8.88
CA LYS A 191 -14.17 7.23 9.55
C LYS A 191 -15.50 6.88 8.93
N ALA A 192 -16.30 7.89 8.56
CA ALA A 192 -17.65 7.59 8.02
C ALA A 192 -17.46 6.80 6.68
N GLY A 193 -16.59 7.29 5.82
CA GLY A 193 -16.43 6.69 4.50
C GLY A 193 -15.81 5.27 4.63
N LEU A 194 -14.80 5.11 5.46
CA LEU A 194 -14.24 3.79 5.69
C LEU A 194 -15.22 2.82 6.34
N THR A 195 -16.07 3.30 7.27
CA THR A 195 -17.15 2.49 7.83
C THR A 195 -18.08 1.97 6.73
N PHE A 196 -18.40 2.85 5.80
CA PHE A 196 -19.35 2.50 4.76
C PHE A 196 -18.74 1.36 3.90
N LEU A 197 -17.45 1.53 3.58
CA LEU A 197 -16.71 0.50 2.79
C LEU A 197 -16.68 -0.81 3.53
N VAL A 198 -16.29 -0.74 4.80
CA VAL A 198 -16.28 -1.95 5.63
C VAL A 198 -17.66 -2.64 5.74
N ASP A 199 -18.73 -1.86 5.91
CA ASP A 199 -20.07 -2.42 5.97
C ASP A 199 -20.46 -3.12 4.65
N LEU A 200 -20.04 -2.56 3.50
CA LEU A 200 -20.26 -3.24 2.22
C LEU A 200 -19.65 -4.63 2.22
N ILE A 201 -18.47 -4.75 2.79
CA ILE A 201 -17.79 -6.04 2.90
C ILE A 201 -18.48 -6.93 3.89
N LYS A 202 -18.80 -6.43 5.08
CA LYS A 202 -19.54 -7.19 6.08
C LYS A 202 -20.83 -7.76 5.52
N ASN A 203 -21.55 -6.97 4.76
CA ASN A 203 -22.81 -7.42 4.21
C ASN A 203 -22.68 -8.22 2.88
N LYS A 204 -21.45 -8.56 2.48
CA LYS A 204 -21.09 -9.39 1.33
C LYS A 204 -21.43 -8.74 -0.02
N HIS A 205 -21.53 -7.40 -0.04
CA HIS A 205 -21.70 -6.68 -1.28
C HIS A 205 -20.36 -6.55 -1.97
N MET A 206 -19.29 -6.61 -1.18
CA MET A 206 -17.92 -6.63 -1.77
C MET A 206 -17.09 -7.69 -0.97
N ASN A 207 -15.94 -8.08 -1.51
CA ASN A 207 -15.05 -9.04 -0.90
C ASN A 207 -13.73 -8.35 -0.61
N ALA A 208 -13.21 -8.51 0.62
CA ALA A 208 -11.93 -7.81 1.01
C ALA A 208 -10.73 -8.22 0.14
N ASP A 209 -10.77 -9.41 -0.48
CA ASP A 209 -9.66 -9.89 -1.29
CA ASP A 209 -9.63 -9.84 -1.26
C ASP A 209 -9.65 -9.38 -2.72
N THR A 210 -10.69 -8.66 -3.13
CA THR A 210 -10.72 -8.19 -4.52
C THR A 210 -9.53 -7.26 -4.88
N ASP A 211 -8.81 -7.62 -5.94
CA ASP A 211 -7.67 -6.80 -6.38
C ASP A 211 -7.94 -6.28 -7.79
N TYR A 212 -6.92 -5.66 -8.39
CA TYR A 212 -7.09 -5.08 -9.70
C TYR A 212 -7.51 -6.13 -10.72
N SER A 213 -6.79 -7.26 -10.77
CA SER A 213 -7.04 -8.25 -11.80
C SER A 213 -8.43 -8.88 -11.65
N ILE A 214 -8.83 -9.19 -10.43
CA ILE A 214 -10.15 -9.79 -10.16
C ILE A 214 -11.29 -8.84 -10.59
N ALA A 215 -11.18 -7.56 -10.21
CA ALA A 215 -12.23 -6.55 -10.55
C ALA A 215 -12.34 -6.36 -12.06
N GLU A 216 -11.17 -6.27 -12.71
CA GLU A 216 -11.11 -6.08 -14.20
C GLU A 216 -11.74 -7.24 -14.92
N ALA A 217 -11.41 -8.47 -14.48
CA ALA A 217 -11.93 -9.64 -15.13
C ALA A 217 -13.47 -9.77 -14.89
N ALA A 218 -13.95 -9.44 -13.68
CA ALA A 218 -15.38 -9.54 -13.39
C ALA A 218 -16.13 -8.53 -14.25
N PHE A 219 -15.57 -7.35 -14.41
CA PHE A 219 -16.28 -6.34 -15.19
C PHE A 219 -16.30 -6.71 -16.66
N ASN A 220 -15.13 -7.17 -17.14
CA ASN A 220 -14.94 -7.36 -18.57
C ASN A 220 -15.65 -8.64 -19.03
N LYS A 221 -15.99 -9.51 -18.08
CA LYS A 221 -16.79 -10.68 -18.35
C LYS A 221 -18.29 -10.47 -18.20
N GLY A 222 -18.73 -9.31 -17.77
CA GLY A 222 -20.19 -9.10 -17.60
C GLY A 222 -20.78 -9.58 -16.27
N GLU A 223 -19.94 -9.84 -15.28
CA GLU A 223 -20.42 -10.34 -14.00
C GLU A 223 -20.81 -9.27 -13.01
N THR A 224 -20.23 -8.09 -13.13
CA THR A 224 -20.45 -7.03 -12.15
C THR A 224 -20.86 -5.81 -12.95
N ALA A 225 -21.84 -5.08 -12.44
CA ALA A 225 -22.45 -4.01 -13.24
C ALA A 225 -21.59 -2.74 -13.27
N MET A 226 -20.77 -2.55 -12.23
CA MET A 226 -19.89 -1.41 -12.09
C MET A 226 -18.46 -1.74 -11.62
N THR A 227 -17.52 -0.91 -12.04
CA THR A 227 -16.19 -0.93 -11.45
C THR A 227 -15.74 0.54 -11.31
N ILE A 228 -14.57 0.71 -10.68
CA ILE A 228 -13.92 1.99 -10.55
C ILE A 228 -12.48 1.90 -11.05
N ASN A 229 -12.18 2.75 -12.05
CA ASN A 229 -10.86 2.69 -12.73
C ASN A 229 -10.58 3.94 -13.51
N GLY A 230 -9.35 4.01 -14.03
CA GLY A 230 -8.89 5.17 -14.74
C GLY A 230 -8.87 4.89 -16.26
N PRO A 231 -8.42 5.87 -17.01
CA PRO A 231 -8.49 5.83 -18.45
C PRO A 231 -7.72 4.69 -19.05
N TRP A 232 -6.61 4.32 -18.42
CA TRP A 232 -5.80 3.19 -18.91
C TRP A 232 -6.61 1.88 -19.06
N ALA A 233 -7.68 1.74 -18.28
CA ALA A 233 -8.47 0.50 -18.30
C ALA A 233 -9.43 0.38 -19.48
N TRP A 234 -9.64 1.48 -20.16
CA TRP A 234 -10.71 1.45 -21.20
C TRP A 234 -10.34 0.56 -22.41
N SER A 235 -9.05 0.39 -22.70
CA SER A 235 -8.66 -0.49 -23.80
C SER A 235 -9.08 -1.89 -23.65
N ASN A 236 -8.77 -2.47 -22.49
CA ASN A 236 -9.23 -3.87 -22.26
C ASN A 236 -10.78 -4.02 -22.26
N ILE A 237 -11.48 -2.98 -21.82
CA ILE A 237 -12.96 -3.02 -21.87
C ILE A 237 -13.41 -3.02 -23.30
N ASP A 238 -12.79 -2.19 -24.11
CA ASP A 238 -13.09 -2.15 -25.54
C ASP A 238 -12.93 -3.52 -26.20
N THR A 239 -11.80 -4.15 -25.96
CA THR A 239 -11.56 -5.53 -26.44
C THR A 239 -12.66 -6.51 -25.98
N SER A 240 -13.11 -6.43 -24.72
CA SER A 240 -14.14 -7.35 -24.19
C SER A 240 -15.52 -7.11 -24.82
N LYS A 241 -15.74 -5.98 -25.49
CA LYS A 241 -17.03 -5.64 -26.10
C LYS A 241 -18.17 -5.46 -25.10
N VAL A 242 -17.86 -5.19 -23.83
CA VAL A 242 -18.92 -4.81 -22.89
C VAL A 242 -19.47 -3.45 -23.32
N ASN A 243 -20.78 -3.26 -23.29
CA ASN A 243 -21.34 -1.94 -23.61
C ASN A 243 -21.26 -1.01 -22.36
N TYR A 244 -20.19 -0.23 -22.25
CA TYR A 244 -19.91 0.55 -21.04
C TYR A 244 -20.09 2.02 -21.20
N GLY A 245 -20.30 2.64 -20.05
CA GLY A 245 -20.30 4.08 -19.89
C GLY A 245 -19.34 4.52 -18.81
N VAL A 246 -18.79 5.73 -18.94
CA VAL A 246 -17.87 6.30 -17.91
C VAL A 246 -18.53 7.55 -17.34
N THR A 247 -18.73 7.60 -16.03
CA THR A 247 -19.55 8.65 -15.45
C THR A 247 -19.01 9.12 -14.08
N VAL A 248 -19.69 10.11 -13.56
CA VAL A 248 -19.39 10.65 -12.27
C VAL A 248 -19.49 9.57 -11.16
N LEU A 249 -18.60 9.62 -10.20
CA LEU A 249 -18.61 8.67 -9.10
C LEU A 249 -19.83 8.92 -8.22
N PRO A 250 -20.26 7.92 -7.46
CA PRO A 250 -21.43 8.18 -6.60
C PRO A 250 -21.11 9.14 -5.46
N THR A 251 -22.14 9.87 -4.98
CA THR A 251 -22.03 10.69 -3.80
C THR A 251 -22.09 9.86 -2.51
N PHE A 252 -21.52 10.40 -1.47
CA PHE A 252 -21.60 9.82 -0.11
C PHE A 252 -22.01 10.91 0.87
N LYS A 253 -23.10 10.63 1.60
CA LYS A 253 -23.69 11.57 2.53
C LYS A 253 -23.98 12.89 1.76
N GLY A 254 -24.39 12.77 0.51
CA GLY A 254 -24.73 13.95 -0.27
C GLY A 254 -23.59 14.77 -0.82
N GLN A 255 -22.34 14.34 -0.63
CA GLN A 255 -21.18 15.03 -1.17
C GLN A 255 -20.42 14.19 -2.22
N PRO A 256 -19.74 14.85 -3.19
CA PRO A 256 -19.02 14.07 -4.21
C PRO A 256 -17.97 13.20 -3.64
N SER A 257 -17.78 12.04 -4.29
CA SER A 257 -16.55 11.25 -4.04
C SER A 257 -15.41 12.12 -4.57
N LYS A 258 -14.25 12.07 -3.95
CA LYS A 258 -13.13 13.01 -4.22
C LYS A 258 -11.91 12.21 -4.59
N PRO A 259 -11.80 11.87 -5.86
CA PRO A 259 -10.58 11.09 -6.20
C PRO A 259 -9.32 11.95 -6.07
N PHE A 260 -8.24 11.29 -5.74
CA PHE A 260 -6.93 11.99 -5.76
C PHE A 260 -6.45 11.98 -7.20
N VAL A 261 -6.27 13.15 -7.76
CA VAL A 261 -5.93 13.29 -9.21
C VAL A 261 -4.40 13.21 -9.40
N GLY A 262 -3.97 12.36 -10.32
CA GLY A 262 -2.57 12.19 -10.64
C GLY A 262 -2.22 12.79 -12.01
N VAL A 263 -1.01 13.28 -12.16
CA VAL A 263 -0.50 13.74 -13.45
C VAL A 263 0.65 12.78 -13.74
N LEU A 264 0.42 11.87 -14.66
CA LEU A 264 1.49 11.01 -15.17
C LEU A 264 2.65 11.93 -15.58
N SER A 265 3.83 11.66 -15.08
CA SER A 265 4.97 12.57 -15.25
C SER A 265 6.22 11.78 -15.56
N ALA A 266 7.21 12.46 -16.12
CA ALA A 266 8.47 11.81 -16.50
C ALA A 266 9.65 12.60 -15.95
N GLY A 267 10.45 11.96 -15.10
CA GLY A 267 11.63 12.55 -14.48
C GLY A 267 12.87 11.99 -15.06
N ILE A 268 13.99 12.72 -14.92
CA ILE A 268 15.28 12.28 -15.44
C ILE A 268 16.18 11.93 -14.26
N ASN A 269 16.73 10.74 -14.29
CA ASN A 269 17.57 10.26 -13.19
C ASN A 269 18.77 11.18 -13.04
N ALA A 270 19.06 11.64 -11.83
CA ALA A 270 20.25 12.51 -11.59
C ALA A 270 21.55 11.82 -11.98
N ALA A 271 21.57 10.49 -11.96
CA ALA A 271 22.78 9.75 -12.29
C ALA A 271 22.88 9.44 -13.83
N SER A 272 21.91 9.87 -14.63
CA SER A 272 21.98 9.54 -16.07
C SER A 272 23.10 10.34 -16.71
N PRO A 273 23.92 9.68 -17.56
CA PRO A 273 24.88 10.33 -18.42
C PRO A 273 24.23 10.79 -19.71
N ASN A 274 22.91 10.61 -19.83
CA ASN A 274 22.16 10.94 -21.05
C ASN A 274 21.10 12.01 -20.88
N LYS A 275 21.35 13.00 -20.04
CA LYS A 275 20.29 13.93 -19.70
C LYS A 275 19.82 14.72 -20.92
N GLU A 276 20.77 15.09 -21.75
CA GLU A 276 20.41 15.79 -22.98
C GLU A 276 19.56 14.97 -23.97
N LEU A 277 19.96 13.73 -24.21
CA LEU A 277 19.15 12.80 -25.00
C LEU A 277 17.72 12.64 -24.38
N ALA A 278 17.64 12.48 -23.06
CA ALA A 278 16.33 12.32 -22.36
C ALA A 278 15.45 13.52 -22.58
N LYS A 279 16.05 14.68 -22.52
CA LYS A 279 15.34 15.92 -22.74
C LYS A 279 14.79 16.03 -24.17
N GLU A 280 15.61 15.71 -25.11
CA GLU A 280 15.21 15.69 -26.50
C GLU A 280 14.07 14.69 -26.77
N PHE A 281 14.20 13.52 -26.17
CA PHE A 281 13.16 12.52 -26.37
C PHE A 281 11.86 13.03 -25.83
N LEU A 282 11.91 13.55 -24.61
CA LEU A 282 10.69 13.93 -23.90
C LEU A 282 10.01 15.14 -24.53
N GLU A 283 10.79 16.16 -24.86
CA GLU A 283 10.24 17.42 -25.44
C GLU A 283 9.88 17.31 -26.90
N ASN A 284 10.67 16.60 -27.70
CA ASN A 284 10.50 16.69 -29.13
C ASN A 284 9.94 15.44 -29.80
N TYR A 285 9.89 14.32 -29.08
CA TYR A 285 9.24 13.13 -29.56
C TYR A 285 7.99 12.74 -28.79
N LEU A 286 8.11 12.62 -27.45
CA LEU A 286 6.94 12.19 -26.67
C LEU A 286 5.85 13.29 -26.58
N LEU A 287 6.25 14.50 -26.17
CA LEU A 287 5.27 15.58 -25.95
C LEU A 287 4.92 16.34 -27.27
N THR A 288 4.43 15.57 -28.23
CA THR A 288 3.98 16.06 -29.57
C THR A 288 2.67 15.35 -29.78
N ASP A 289 1.85 15.84 -30.73
CA ASP A 289 0.58 15.21 -31.00
C ASP A 289 0.79 13.76 -31.40
N GLU A 290 1.81 13.53 -32.21
CA GLU A 290 2.11 12.21 -32.73
C GLU A 290 2.63 11.23 -31.67
N GLY A 291 3.50 11.67 -30.76
CA GLY A 291 3.98 10.83 -29.67
C GLY A 291 2.88 10.46 -28.69
N LEU A 292 2.13 11.44 -28.24
CA LEU A 292 1.05 11.16 -27.34
C LEU A 292 -0.04 10.27 -27.97
N GLU A 293 -0.33 10.45 -29.27
CA GLU A 293 -1.28 9.57 -29.93
C GLU A 293 -0.85 8.11 -29.88
N ALA A 294 0.44 7.90 -30.11
CA ALA A 294 1.02 6.55 -30.13
C ALA A 294 0.83 5.86 -28.78
N VAL A 295 1.05 6.59 -27.70
CA VAL A 295 0.86 6.00 -26.36
C VAL A 295 -0.61 5.83 -26.04
N ASN A 296 -1.37 6.86 -26.33
CA ASN A 296 -2.85 6.83 -26.05
C ASN A 296 -3.61 5.71 -26.80
N LYS A 297 -3.18 5.43 -28.01
CA LYS A 297 -3.84 4.38 -28.82
C LYS A 297 -3.61 3.01 -28.20
N ASP A 298 -2.57 2.92 -27.38
CA ASP A 298 -2.19 1.69 -26.75
C ASP A 298 -3.01 1.57 -25.47
N LYS A 299 -2.86 2.50 -24.52
CA LYS A 299 -3.76 2.57 -23.38
C LYS A 299 -4.08 4.08 -23.15
N PRO A 300 -5.35 4.44 -23.01
CA PRO A 300 -5.68 5.89 -22.93
C PRO A 300 -5.01 6.58 -21.73
N LEU A 301 -4.52 7.79 -22.00
CA LEU A 301 -3.73 8.61 -21.06
C LEU A 301 -4.63 9.40 -20.12
N GLY A 302 -5.86 9.69 -20.56
CA GLY A 302 -6.71 10.67 -19.86
C GLY A 302 -6.66 12.01 -20.57
N ALA A 303 -6.55 13.10 -19.81
CA ALA A 303 -6.46 14.45 -20.41
C ALA A 303 -5.03 14.89 -20.47
N VAL A 304 -4.49 14.84 -21.68
CA VAL A 304 -3.06 15.07 -21.87
C VAL A 304 -2.65 16.51 -21.51
N ALA A 305 -1.40 16.70 -21.10
CA ALA A 305 -0.90 18.01 -20.66
C ALA A 305 -0.64 18.92 -21.85
N LEU A 306 -0.38 18.34 -23.02
CA LEU A 306 -0.09 19.09 -24.25
C LEU A 306 -1.41 19.67 -24.81
N LYS A 307 -1.48 20.98 -24.89
CA LYS A 307 -2.75 21.61 -25.16
C LYS A 307 -3.23 21.22 -26.55
N SER A 308 -2.33 21.12 -27.52
CA SER A 308 -2.79 20.88 -28.90
C SER A 308 -3.53 19.54 -28.99
N TYR A 309 -2.96 18.49 -28.37
CA TYR A 309 -3.55 17.14 -28.43
C TYR A 309 -4.75 16.99 -27.49
N GLU A 310 -4.70 17.67 -26.33
CA GLU A 310 -5.81 17.67 -25.41
C GLU A 310 -7.05 18.24 -26.08
N GLU A 311 -6.91 19.35 -26.79
CA GLU A 311 -7.99 19.90 -27.61
C GLU A 311 -8.56 18.90 -28.60
N GLU A 312 -7.70 18.21 -29.33
CA GLU A 312 -8.16 17.18 -30.32
C GLU A 312 -9.01 16.07 -29.66
N LEU A 313 -8.62 15.66 -28.44
CA LEU A 313 -9.34 14.55 -27.86
C LEU A 313 -10.47 14.93 -26.91
N ALA A 314 -10.60 16.22 -26.61
CA ALA A 314 -11.52 16.74 -25.59
C ALA A 314 -13.00 16.40 -25.73
N LYS A 315 -13.46 16.07 -26.93
CA LYS A 315 -14.85 15.70 -27.14
C LYS A 315 -15.20 14.27 -26.77
N ASP A 316 -14.21 13.47 -26.38
CA ASP A 316 -14.48 12.12 -25.85
C ASP A 316 -15.28 12.23 -24.56
N PRO A 317 -16.53 11.72 -24.52
CA PRO A 317 -17.25 11.82 -23.26
C PRO A 317 -16.59 11.10 -22.11
N ARG A 318 -15.74 10.12 -22.39
CA ARG A 318 -15.06 9.44 -21.29
C ARG A 318 -14.02 10.35 -20.68
N ILE A 319 -13.41 11.19 -21.51
CA ILE A 319 -12.42 12.14 -21.01
C ILE A 319 -13.14 13.23 -20.21
N ALA A 320 -14.32 13.63 -20.70
CA ALA A 320 -15.13 14.67 -20.05
C ALA A 320 -15.49 14.19 -18.65
N ALA A 321 -15.94 12.94 -18.56
CA ALA A 321 -16.26 12.32 -17.28
C ALA A 321 -15.06 12.26 -16.34
N THR A 322 -13.90 11.89 -16.90
CA THR A 322 -12.64 11.90 -16.19
C THR A 322 -12.42 13.25 -15.57
N MET A 323 -12.58 14.32 -16.36
CA MET A 323 -12.30 15.64 -15.80
C MET A 323 -13.38 16.15 -14.84
N GLU A 324 -14.63 15.72 -14.98
CA GLU A 324 -15.66 16.10 -14.00
C GLU A 324 -15.33 15.49 -12.63
N ASN A 325 -14.93 14.21 -12.64
CA ASN A 325 -14.38 13.56 -11.42
C ASN A 325 -13.14 14.24 -10.86
N ALA A 326 -12.23 14.62 -11.73
CA ALA A 326 -11.03 15.32 -11.30
C ALA A 326 -11.35 16.63 -10.61
N GLN A 327 -12.31 17.39 -11.14
CA GLN A 327 -12.70 18.70 -10.57
C GLN A 327 -13.33 18.54 -9.23
N LYS A 328 -14.03 17.43 -9.01
CA LYS A 328 -14.59 17.12 -7.69
C LYS A 328 -13.55 16.67 -6.68
N GLY A 329 -12.44 16.06 -7.14
CA GLY A 329 -11.40 15.63 -6.26
C GLY A 329 -10.35 16.70 -6.06
N GLU A 330 -9.16 16.29 -5.75
CA GLU A 330 -8.07 17.20 -5.39
C GLU A 330 -6.83 16.68 -6.09
N ILE A 331 -6.03 17.59 -6.57
CA ILE A 331 -4.74 17.21 -7.11
C ILE A 331 -3.85 16.67 -5.96
N MET A 332 -3.12 15.59 -6.20
CA MET A 332 -2.29 15.04 -5.15
C MET A 332 -1.17 16.04 -4.86
N PRO A 333 -0.77 16.15 -3.59
CA PRO A 333 0.51 16.78 -3.31
C PRO A 333 1.64 15.99 -3.92
N ASN A 334 2.74 16.67 -4.19
CA ASN A 334 3.95 15.98 -4.62
C ASN A 334 5.04 15.90 -3.56
N ILE A 335 4.72 16.27 -2.34
CA ILE A 335 5.70 16.40 -1.30
C ILE A 335 6.26 15.03 -0.80
N PRO A 336 7.44 15.04 -0.18
CA PRO A 336 8.01 13.72 0.22
C PRO A 336 7.16 12.83 1.12
N GLN A 337 6.27 13.47 1.87
CA GLN A 337 5.39 12.75 2.86
C GLN A 337 4.39 11.83 2.15
N MET A 338 4.22 11.92 0.82
CA MET A 338 3.19 11.09 0.17
C MET A 338 3.42 9.59 0.29
N SER A 339 4.64 9.14 0.32
CA SER A 339 4.94 7.68 0.40
C SER A 339 4.36 7.13 1.73
N ALA A 340 4.60 7.87 2.79
CA ALA A 340 4.07 7.47 4.11
C ALA A 340 2.59 7.61 4.24
N PHE A 341 2.01 8.66 3.62
CA PHE A 341 0.57 8.84 3.56
C PHE A 341 -0.06 7.61 2.90
N TRP A 342 0.41 7.25 1.70
CA TRP A 342 -0.25 6.14 0.99
C TRP A 342 -0.08 4.83 1.80
N TYR A 343 1.08 4.59 2.39
CA TYR A 343 1.30 3.38 3.15
C TYR A 343 0.31 3.32 4.36
N ALA A 344 0.05 4.48 4.95
CA ALA A 344 -0.90 4.60 6.06
C ALA A 344 -2.27 4.24 5.61
N VAL A 345 -2.75 4.77 4.53
CA VAL A 345 -4.12 4.55 4.11
C VAL A 345 -4.24 3.05 3.72
N ARG A 346 -3.20 2.52 3.05
CA ARG A 346 -3.22 1.11 2.67
C ARG A 346 -3.39 0.21 3.85
N THR A 347 -2.60 0.48 4.90
CA THR A 347 -2.66 -0.32 6.11
C THR A 347 -3.99 -0.17 6.81
N ALA A 348 -4.50 1.05 6.89
CA ALA A 348 -5.80 1.24 7.57
C ALA A 348 -6.92 0.42 6.87
N VAL A 349 -6.93 0.52 5.53
CA VAL A 349 -7.96 -0.15 4.73
C VAL A 349 -7.87 -1.65 4.89
N ILE A 350 -6.66 -2.19 4.75
CA ILE A 350 -6.46 -3.64 4.93
C ILE A 350 -6.87 -4.16 6.30
N ASN A 351 -6.50 -3.43 7.34
CA ASN A 351 -6.82 -3.81 8.67
C ASN A 351 -8.37 -3.71 8.96
N ALA A 352 -9.01 -2.67 8.50
CA ALA A 352 -10.39 -2.51 8.79
C ALA A 352 -11.22 -3.47 7.92
N ALA A 353 -10.86 -3.59 6.62
CA ALA A 353 -11.63 -4.45 5.66
C ALA A 353 -11.58 -5.90 6.07
N SER A 354 -10.46 -6.33 6.65
CA SER A 354 -10.34 -7.71 7.17
C SER A 354 -10.93 -7.92 8.54
N GLY A 355 -11.39 -6.87 9.23
CA GLY A 355 -11.83 -7.05 10.57
C GLY A 355 -10.72 -7.18 11.65
N ARG A 356 -9.45 -7.09 11.28
CA ARG A 356 -8.35 -7.14 12.21
CA ARG A 356 -8.36 -7.17 12.25
C ARG A 356 -8.38 -6.00 13.26
N GLN A 357 -8.83 -4.82 12.81
CA GLN A 357 -9.00 -3.69 13.71
C GLN A 357 -10.36 -3.08 13.41
N THR A 358 -10.89 -2.38 14.37
CA THR A 358 -12.05 -1.49 14.07
C THR A 358 -11.66 -0.38 13.19
N VAL A 359 -12.64 0.24 12.50
CA VAL A 359 -12.30 1.38 11.65
C VAL A 359 -11.61 2.49 12.46
N ASP A 360 -12.12 2.75 13.68
CA ASP A 360 -11.51 3.85 14.51
C ASP A 360 -10.04 3.52 14.86
N GLU A 361 -9.75 2.27 15.24
CA GLU A 361 -8.40 1.92 15.63
C GLU A 361 -7.48 1.89 14.40
N ALA A 362 -7.98 1.42 13.26
CA ALA A 362 -7.23 1.35 12.09
C ALA A 362 -6.76 2.71 11.61
N LEU A 363 -7.68 3.70 11.59
CA LEU A 363 -7.29 5.05 11.19
C LEU A 363 -6.42 5.73 12.20
N LYS A 364 -6.67 5.49 13.49
CA LYS A 364 -5.90 6.15 14.54
C LYS A 364 -4.44 5.68 14.48
N ASP A 365 -4.25 4.38 14.40
CA ASP A 365 -2.87 3.85 14.30
C ASP A 365 -2.18 4.25 13.02
N ALA A 366 -2.90 4.24 11.91
CA ALA A 366 -2.36 4.65 10.62
C ALA A 366 -1.80 6.11 10.68
N GLN A 367 -2.61 7.03 11.26
CA GLN A 367 -2.16 8.38 11.41
C GLN A 367 -1.01 8.53 12.37
N THR A 368 -1.00 7.82 13.49
CA THR A 368 0.07 7.90 14.48
C THR A 368 1.38 7.51 13.83
N ASN A 369 1.35 6.38 13.11
CA ASN A 369 2.64 5.90 12.56
C ASN A 369 3.09 6.72 11.33
N ALA A 370 2.11 7.23 10.57
CA ALA A 370 2.45 8.12 9.46
C ALA A 370 3.08 9.43 9.98
N ALA A 371 2.49 10.01 11.03
CA ALA A 371 3.02 11.26 11.61
C ALA A 371 4.46 11.13 12.07
N ALA A 372 4.81 9.91 12.55
CA ALA A 372 6.13 9.65 12.96
C ALA A 372 7.14 9.87 11.83
N GLU A 373 6.74 9.47 10.63
CA GLU A 373 7.57 9.73 9.46
C GLU A 373 7.46 11.17 8.90
N PHE A 374 6.26 11.69 8.93
CA PHE A 374 5.98 13.04 8.25
C PHE A 374 6.85 14.08 8.89
N GLY A 375 6.98 14.04 10.22
CA GLY A 375 7.73 15.11 10.92
C GLY A 375 9.20 14.78 11.13
N GLY A 376 9.67 13.69 10.57
CA GLY A 376 11.10 13.39 10.49
C GLY A 376 11.64 12.59 11.67
N THR A 377 10.83 12.25 12.68
CA THR A 377 11.27 11.48 13.89
C THR A 377 11.75 10.08 13.46
N VAL A 378 11.01 9.44 12.56
CA VAL A 378 11.28 8.07 12.12
C VAL A 378 11.70 8.07 10.63
N LYS A 379 12.92 7.70 10.38
CA LYS A 379 13.42 7.66 8.98
C LYS A 379 14.08 6.29 8.65
N ASN A 380 14.06 5.37 9.57
CA ASN A 380 14.63 4.03 9.38
C ASN A 380 14.18 3.15 10.51
N TYR A 381 14.57 1.87 10.52
CA TYR A 381 13.99 1.02 11.51
C TYR A 381 14.53 1.31 12.88
N GLU A 382 15.80 1.69 13.00
CA GLU A 382 16.32 1.97 14.35
C GLU A 382 15.58 3.12 15.01
N THR A 383 15.30 4.20 14.27
CA THR A 383 14.48 5.31 14.81
C THR A 383 13.05 4.86 15.03
N ALA A 384 12.51 3.96 14.18
CA ALA A 384 11.15 3.52 14.39
C ALA A 384 11.01 2.79 15.75
N VAL A 385 11.96 1.89 16.01
CA VAL A 385 11.92 1.11 17.24
C VAL A 385 12.04 2.03 18.42
N GLN A 386 12.87 3.05 18.34
CA GLN A 386 12.97 4.02 19.45
C GLN A 386 11.61 4.75 19.66
N PHE A 387 10.94 5.11 18.59
CA PHE A 387 9.64 5.74 18.64
C PHE A 387 8.58 4.84 19.30
N CYS A 388 8.54 3.57 18.90
CA CYS A 388 7.59 2.53 19.44
C CYS A 388 7.88 2.36 20.97
N TRP A 389 9.17 2.23 21.30
CA TRP A 389 9.56 2.04 22.75
C TRP A 389 9.18 3.20 23.60
N ASN A 390 9.46 4.41 23.11
CA ASN A 390 9.13 5.63 23.85
C ASN A 390 7.64 5.75 24.13
N HIS A 391 6.80 5.42 23.16
CA HIS A 391 5.33 5.46 23.40
CA HIS A 391 5.36 5.48 23.43
C HIS A 391 4.98 4.43 24.48
N TYR A 392 5.58 3.26 24.36
CA TYR A 392 5.31 2.16 25.29
C TYR A 392 5.69 2.52 26.73
N LYS A 393 6.88 3.13 26.85
CA LYS A 393 7.29 3.62 28.15
C LYS A 393 6.35 4.64 28.78
N ASP A 394 5.89 5.53 27.97
CA ASP A 394 4.96 6.57 28.37
C ASP A 394 3.66 5.95 28.89
N GLN A 395 3.19 4.86 28.23
CA GLN A 395 2.05 4.12 28.68
C GLN A 395 2.32 3.28 29.94
N MET A 396 3.52 2.77 30.11
CA MET A 396 3.78 1.85 31.22
C MET A 396 4.18 2.60 32.52
N ASP A 397 4.89 3.71 32.39
CA ASP A 397 5.35 4.40 33.57
C ASP A 397 4.28 4.74 34.61
N PRO A 398 3.12 5.24 34.20
CA PRO A 398 2.21 5.61 35.26
C PRO A 398 1.48 4.41 35.92
N ILE A 399 1.60 3.21 35.37
CA ILE A 399 0.86 2.00 35.82
C ILE A 399 1.78 0.94 36.42
N GLU A 400 2.88 1.40 37.01
CA GLU A 400 3.87 0.50 37.61
C GLU A 400 3.34 -0.49 38.64
N LYS A 401 2.44 -0.06 39.51
CA LYS A 401 1.96 -0.98 40.47
C LYS A 401 1.16 -2.11 39.82
N ASP A 402 0.72 -1.90 38.61
CA ASP A 402 -0.02 -2.94 37.86
C ASP A 402 0.69 -3.66 36.73
N TRP A 403 2.02 -3.63 36.70
CA TRP A 403 2.74 -4.30 35.61
C TRP A 403 2.52 -5.81 35.53
N CYS A 404 2.10 -6.46 36.64
CA CYS A 404 1.84 -7.89 36.61
C CYS A 404 0.35 -8.21 36.31
N ASP A 405 -0.43 -7.21 35.98
CA ASP A 405 -1.85 -7.40 35.71
C ASP A 405 -2.09 -7.33 34.18
N TRP A 406 -2.34 -8.49 33.59
CA TRP A 406 -2.62 -8.53 32.12
C TRP A 406 -3.67 -7.54 31.68
N ALA A 407 -4.68 -7.26 32.48
CA ALA A 407 -5.73 -6.34 32.05
C ALA A 407 -5.17 -4.90 31.88
N MET A 408 -4.12 -4.57 32.60
CA MET A 408 -3.58 -3.19 32.54
C MET A 408 -2.49 -3.11 31.51
N ILE A 409 -1.71 -4.17 31.30
CA ILE A 409 -0.59 -4.06 30.37
C ILE A 409 -0.83 -4.62 28.99
N SER A 410 -1.95 -5.35 28.81
CA SER A 410 -2.16 -6.01 27.50
C SER A 410 -2.23 -5.04 26.36
N ARG A 411 -2.95 -3.92 26.54
CA ARG A 411 -3.05 -2.98 25.42
C ARG A 411 -1.72 -2.30 25.05
N PRO A 412 -0.96 -1.79 26.06
CA PRO A 412 0.41 -1.27 25.73
C PRO A 412 1.30 -2.30 25.10
N TYR A 413 1.30 -3.50 25.60
CA TYR A 413 2.16 -4.58 25.07
C TYR A 413 1.76 -4.98 23.63
N SER A 414 0.48 -5.07 23.39
CA SER A 414 -0.01 -5.34 22.05
C SER A 414 0.31 -4.20 21.08
N THR A 415 0.15 -2.96 21.54
CA THR A 415 0.46 -1.83 20.68
C THR A 415 1.96 -1.75 20.37
N LEU A 416 2.80 -2.08 21.36
CA LEU A 416 4.23 -2.16 21.14
C LEU A 416 4.52 -3.10 19.96
N ARG A 417 3.95 -4.30 19.98
CA ARG A 417 4.17 -5.25 18.89
C ARG A 417 3.58 -4.65 17.59
N ASP A 418 2.37 -4.10 17.60
CA ASP A 418 1.77 -3.52 16.38
C ASP A 418 2.70 -2.49 15.74
N CYS A 419 3.33 -1.69 16.58
CA CYS A 419 4.21 -0.60 16.11
C CYS A 419 5.50 -1.23 15.53
N LEU A 420 6.15 -2.13 16.28
CA LEU A 420 7.40 -2.80 15.82
C LEU A 420 7.22 -3.56 14.55
N GLU A 421 6.06 -4.18 14.43
CA GLU A 421 5.75 -4.95 13.25
C GLU A 421 5.34 -4.13 12.07
N HIS A 422 4.52 -3.09 12.29
CA HIS A 422 4.25 -2.11 11.25
C HIS A 422 5.51 -1.57 10.59
N PHE A 423 6.44 -1.07 11.42
CA PHE A 423 7.66 -0.47 10.90
C PHE A 423 8.62 -1.50 10.27
N ALA A 424 8.54 -2.75 10.65
CA ALA A 424 9.37 -3.77 10.05
C ALA A 424 8.89 -3.95 8.58
N GLU A 425 7.57 -4.05 8.41
CA GLU A 425 7.01 -4.21 7.09
C GLU A 425 7.31 -2.98 6.20
N ARG A 426 7.17 -1.84 6.82
CA ARG A 426 7.42 -0.59 6.15
C ARG A 426 8.84 -0.46 5.60
N PHE A 427 9.81 -0.91 6.37
CA PHE A 427 11.19 -0.85 6.02
C PHE A 427 11.74 -2.15 5.40
N ASP A 428 10.83 -3.00 4.96
CA ASP A 428 11.14 -4.20 4.23
C ASP A 428 11.95 -5.19 5.04
N LEU A 429 11.62 -5.37 6.29
CA LEU A 429 12.31 -6.28 7.16
C LEU A 429 11.36 -7.39 7.58
N GLY A 430 11.85 -8.48 8.00
CA GLY A 430 10.86 -9.42 8.51
C GLY A 430 10.38 -9.14 9.90
N PHE A 431 9.42 -9.94 10.36
CA PHE A 431 9.01 -9.90 11.70
C PHE A 431 8.60 -11.29 12.12
N PRO A 432 9.03 -11.79 13.27
CA PRO A 432 10.03 -11.11 14.17
C PRO A 432 11.40 -10.85 13.54
N ASN A 433 12.17 -9.93 14.16
CA ASN A 433 13.55 -9.63 13.70
C ASN A 433 14.40 -9.37 14.97
N PRO A 434 15.75 -9.37 14.82
CA PRO A 434 16.53 -9.33 16.05
C PRO A 434 16.39 -8.01 16.84
N LEU A 435 16.29 -6.86 16.20
CA LEU A 435 16.11 -5.60 16.97
C LEU A 435 14.76 -5.57 17.73
N ALA A 436 13.67 -5.96 17.06
CA ALA A 436 12.40 -6.03 17.74
C ALA A 436 12.42 -7.03 18.88
N GLU A 437 13.03 -8.18 18.69
CA GLU A 437 13.14 -9.15 19.78
C GLU A 437 13.92 -8.58 20.94
N ARG A 438 15.00 -7.86 20.65
CA ARG A 438 15.73 -7.24 21.77
C ARG A 438 14.82 -6.30 22.60
N ILE A 439 14.00 -5.51 21.93
CA ILE A 439 13.06 -4.60 22.57
C ILE A 439 12.05 -5.37 23.43
N ILE A 440 11.50 -6.48 22.89
CA ILE A 440 10.54 -7.25 23.68
C ILE A 440 11.21 -7.89 24.87
N PHE A 441 12.42 -8.44 24.73
CA PHE A 441 13.14 -8.93 25.85
C PHE A 441 13.37 -7.82 26.88
N GLU A 442 13.59 -6.59 26.42
CA GLU A 442 13.85 -5.52 27.38
C GLU A 442 12.65 -5.26 28.30
N THR A 443 11.44 -5.27 27.79
CA THR A 443 10.26 -5.15 28.60
C THR A 443 10.05 -6.27 29.58
N HIS A 444 10.34 -7.48 29.12
CA HIS A 444 10.34 -8.59 30.06
C HIS A 444 11.31 -8.42 31.20
N GLN A 445 12.47 -7.85 30.89
CA GLN A 445 13.48 -7.60 31.90
CA GLN A 445 13.48 -7.60 31.92
C GLN A 445 13.10 -6.47 32.86
N ILE A 446 12.55 -5.37 32.34
CA ILE A 446 12.38 -4.18 33.20
C ILE A 446 10.97 -4.00 33.76
N HIS A 447 9.98 -4.53 33.09
CA HIS A 447 8.57 -4.43 33.50
C HIS A 447 8.00 -5.70 34.11
N PHE A 448 8.44 -6.87 33.67
CA PHE A 448 7.77 -8.10 34.07
C PHE A 448 8.60 -9.01 34.96
N ALA A 449 9.79 -8.57 35.34
CA ALA A 449 10.70 -9.47 36.00
C ALA A 449 10.22 -9.81 37.41
N ASN A 450 9.46 -8.95 38.03
CA ASN A 450 8.96 -9.30 39.38
C ASN A 450 7.70 -10.15 39.40
N CYS A 451 7.08 -10.39 38.25
CA CYS A 451 5.87 -11.21 38.17
C CYS A 451 6.19 -12.65 38.53
N SER A 452 5.28 -13.34 39.21
CA SER A 452 5.58 -14.62 39.80
C SER A 452 5.46 -15.76 38.73
N LEU A 453 4.64 -15.52 37.74
CA LEU A 453 4.26 -16.55 36.76
C LEU A 453 4.90 -16.29 35.39
N VAL A 454 5.20 -17.40 34.73
CA VAL A 454 5.52 -17.33 33.30
C VAL A 454 4.32 -16.87 32.44
N GLN A 455 3.13 -17.38 32.80
CA GLN A 455 1.91 -17.06 32.08
C GLN A 455 1.36 -15.69 32.45
N PRO A 456 0.68 -15.02 31.50
CA PRO A 456 0.02 -13.74 31.88
C PRO A 456 -1.15 -14.05 32.78
N THR A 457 -1.49 -13.15 33.70
CA THR A 457 -2.64 -13.38 34.55
C THR A 457 -3.26 -12.08 34.94
N PHE A 458 -4.53 -12.14 35.31
CA PHE A 458 -5.33 -10.95 35.67
C PHE A 458 -5.25 -10.72 37.16
N SER A 459 -5.73 -9.52 37.54
CA SER A 459 -5.86 -9.01 38.95
C SER A 459 -7.03 -8.06 39.11
N ILE A 473 -12.42 -0.85 26.89
CA ILE A 473 -11.71 -1.49 25.72
C ILE A 473 -10.77 -2.63 26.15
N GLN A 474 -10.85 -3.77 25.48
CA GLN A 474 -9.76 -4.75 25.65
C GLN A 474 -9.47 -5.34 24.31
N LEU A 475 -8.45 -6.15 24.29
CA LEU A 475 -7.95 -6.72 23.06
C LEU A 475 -9.08 -7.66 22.55
N GLY A 476 -9.18 -7.76 21.24
CA GLY A 476 -10.12 -8.69 20.60
C GLY A 476 -9.68 -10.13 20.88
N VAL A 477 -10.60 -11.05 20.58
CA VAL A 477 -10.31 -12.48 20.85
C VAL A 477 -9.01 -13.03 20.22
N THR A 478 -8.83 -12.85 18.93
CA THR A 478 -7.67 -13.34 18.24
C THR A 478 -6.41 -12.67 18.78
N ARG A 479 -6.47 -11.33 18.88
CA ARG A 479 -5.23 -10.61 19.33
C ARG A 479 -4.82 -10.99 20.73
N ASN A 480 -5.80 -11.13 21.60
CA ASN A 480 -5.54 -11.60 22.95
C ASN A 480 -4.91 -12.98 23.02
N LYS A 481 -5.41 -13.92 22.22
CA LYS A 481 -4.78 -15.25 22.14
C LYS A 481 -3.32 -15.21 21.68
N ILE A 482 -3.04 -14.37 20.64
CA ILE A 482 -1.68 -14.24 20.12
C ILE A 482 -0.74 -13.56 21.13
N MET A 483 -1.25 -12.50 21.78
CA MET A 483 -0.40 -11.73 22.68
C MET A 483 -0.14 -12.47 23.97
N THR A 484 -1.13 -13.18 24.49
CA THR A 484 -0.95 -14.04 25.67
C THR A 484 0.10 -15.11 25.36
N ALA A 485 0.03 -15.76 24.21
CA ALA A 485 0.99 -16.77 23.84
C ALA A 485 2.39 -16.15 23.71
N GLN A 486 2.49 -14.97 23.11
CA GLN A 486 3.73 -14.27 23.00
C GLN A 486 4.38 -14.00 24.36
N TYR A 487 3.59 -13.46 25.24
CA TYR A 487 4.07 -13.13 26.59
C TYR A 487 4.61 -14.37 27.28
N GLU A 488 3.83 -15.44 27.23
CA GLU A 488 4.25 -16.70 27.86
C GLU A 488 5.61 -17.19 27.31
N CYS A 489 5.75 -17.12 25.99
CA CYS A 489 6.94 -17.56 25.29
C CYS A 489 8.18 -16.77 25.77
N TYR A 490 8.12 -15.42 25.70
CA TYR A 490 9.23 -14.61 26.18
C TYR A 490 9.53 -14.86 27.68
N GLN A 491 8.49 -14.92 28.53
CA GLN A 491 8.69 -15.22 29.94
C GLN A 491 9.43 -16.58 30.11
N LYS A 492 9.07 -17.57 29.29
CA LYS A 492 9.65 -18.92 29.43
C LYS A 492 11.15 -18.88 29.03
N ILE A 493 11.43 -18.12 27.99
CA ILE A 493 12.88 -17.94 27.59
C ILE A 493 13.66 -17.27 28.72
N MET A 494 13.08 -16.25 29.32
CA MET A 494 13.68 -15.59 30.44
C MET A 494 13.93 -16.57 31.61
N GLN A 495 12.91 -17.38 31.90
CA GLN A 495 13.02 -18.36 32.95
C GLN A 495 14.21 -19.35 32.74
N ASP A 496 14.34 -19.85 31.53
CA ASP A 496 15.08 -21.12 31.20
C ASP A 496 16.01 -20.83 29.94
N PRO A 497 17.08 -20.03 30.12
CA PRO A 497 18.11 -19.88 29.07
C PRO A 497 18.93 -21.14 28.78
N ILE A 498 19.09 -22.02 29.76
CA ILE A 498 20.08 -23.09 29.64
C ILE A 498 19.53 -24.25 28.81
N GLN A 499 20.53 -24.91 28.19
CA GLN A 499 20.48 -26.27 27.66
C GLN A 499 21.33 -27.24 28.51
N GLN A 500 20.63 -28.20 29.10
CA GLN A 500 21.18 -29.09 30.15
C GLN A 500 21.79 -30.32 29.44
N ALA A 501 21.20 -30.75 28.32
CA ALA A 501 21.75 -31.87 27.54
C ALA A 501 23.00 -31.48 26.72
N GLU A 502 23.82 -32.48 26.47
CA GLU A 502 24.97 -32.36 25.58
C GLU A 502 24.46 -32.22 24.15
N GLY A 503 25.05 -31.28 23.39
CA GLY A 503 24.95 -31.27 21.93
C GLY A 503 24.55 -29.96 21.27
N VAL A 504 24.18 -30.05 19.98
CA VAL A 504 23.85 -28.95 19.13
C VAL A 504 22.29 -28.90 19.08
N TYR A 505 21.67 -27.74 19.44
CA TYR A 505 20.26 -27.58 19.70
C TYR A 505 19.81 -26.26 19.05
N CYS A 506 18.62 -26.18 18.46
CA CYS A 506 18.00 -24.88 18.17
C CYS A 506 17.41 -24.42 19.49
N ASN A 507 17.47 -23.14 19.76
CA ASN A 507 16.93 -22.61 21.02
C ASN A 507 15.44 -22.31 20.99
N ARG A 508 14.83 -22.23 22.17
CA ARG A 508 13.43 -21.89 22.22
C ARG A 508 13.19 -20.53 21.53
N THR A 509 12.09 -20.43 20.85
CA THR A 509 11.85 -19.28 19.99
C THR A 509 10.39 -18.97 19.79
N TRP A 510 10.09 -17.65 19.65
CA TRP A 510 8.74 -17.21 19.32
C TRP A 510 8.73 -16.87 17.83
N ASP A 511 7.87 -17.47 17.04
CA ASP A 511 7.86 -17.23 15.57
C ASP A 511 6.91 -16.18 15.03
N GLY A 512 6.16 -15.55 15.94
CA GLY A 512 5.10 -14.64 15.57
C GLY A 512 3.74 -15.05 16.04
N TRP A 513 3.50 -16.36 16.00
CA TRP A 513 2.27 -17.01 16.41
C TRP A 513 2.40 -18.07 17.47
N LEU A 514 3.53 -18.79 17.50
CA LEU A 514 3.72 -19.90 18.40
C LEU A 514 5.13 -19.91 19.00
N CYS A 515 5.17 -20.46 20.21
CA CYS A 515 6.41 -20.74 20.95
C CYS A 515 6.89 -22.13 20.51
N TRP A 516 8.17 -22.30 20.29
CA TRP A 516 8.74 -23.62 19.91
C TRP A 516 9.80 -23.93 20.95
N ASN A 517 9.69 -25.11 21.58
CA ASN A 517 10.75 -25.56 22.49
C ASN A 517 12.11 -25.67 21.82
N ASP A 518 13.16 -25.59 22.62
CA ASP A 518 14.52 -26.04 22.19
C ASP A 518 14.42 -27.48 21.72
N VAL A 519 15.13 -27.87 20.65
CA VAL A 519 15.21 -29.23 20.20
C VAL A 519 16.57 -29.47 19.54
N ALA A 520 16.91 -30.72 19.49
CA ALA A 520 18.14 -31.18 18.91
C ALA A 520 18.24 -30.89 17.44
N ALA A 521 19.45 -30.59 16.98
CA ALA A 521 19.71 -30.38 15.57
C ALA A 521 19.15 -31.55 14.79
N GLY A 522 18.53 -31.28 13.67
CA GLY A 522 18.02 -32.30 12.78
C GLY A 522 16.66 -32.85 13.23
N THR A 523 15.85 -32.00 13.79
CA THR A 523 14.47 -32.36 14.19
C THR A 523 13.41 -31.55 13.44
N GLU A 524 12.33 -32.20 13.01
CA GLU A 524 11.17 -31.47 12.55
C GLU A 524 10.13 -31.45 13.68
N SER A 525 10.08 -30.35 14.41
CA SER A 525 9.13 -30.20 15.53
C SER A 525 7.72 -30.01 14.95
N MET A 526 6.72 -30.48 15.72
CA MET A 526 5.32 -30.42 15.31
C MET A 526 4.46 -29.96 16.53
N GLN A 527 3.43 -29.16 16.27
CA GLN A 527 2.46 -28.73 17.23
C GLN A 527 1.13 -28.64 16.52
N LEU A 528 0.05 -28.61 17.28
CA LEU A 528 -1.27 -28.43 16.66
C LEU A 528 -1.40 -26.96 16.21
N CYS A 529 -2.13 -26.77 15.13
CA CYS A 529 -2.49 -25.43 14.66
C CYS A 529 -3.22 -24.65 15.77
N PRO A 530 -2.84 -23.39 15.94
CA PRO A 530 -3.48 -22.57 16.98
C PRO A 530 -4.91 -22.20 16.59
N ASP A 531 -5.71 -21.97 17.61
CA ASP A 531 -7.12 -21.74 17.45
C ASP A 531 -7.40 -20.20 17.23
N TYR A 532 -6.54 -19.51 16.49
CA TYR A 532 -6.65 -18.04 16.44
C TYR A 532 -7.68 -17.54 15.44
N PHE A 533 -7.92 -18.29 14.40
CA PHE A 533 -8.67 -17.87 13.22
C PHE A 533 -9.79 -18.87 12.95
N GLN A 534 -10.90 -18.36 12.47
CA GLN A 534 -12.05 -19.22 12.13
C GLN A 534 -11.71 -20.23 11.02
N ASP A 535 -10.75 -19.92 10.13
CA ASP A 535 -10.37 -20.85 9.05
C ASP A 535 -9.15 -21.74 9.30
N PHE A 536 -8.63 -21.71 10.51
CA PHE A 536 -7.64 -22.70 10.98
C PHE A 536 -8.33 -23.94 11.57
N ASP A 537 -7.84 -25.10 11.19
CA ASP A 537 -8.32 -26.38 11.74
C ASP A 537 -7.42 -26.74 12.97
N PRO A 538 -7.96 -26.70 14.21
CA PRO A 538 -7.07 -26.93 15.35
C PRO A 538 -6.65 -28.41 15.54
N SER A 539 -7.02 -29.25 14.61
CA SER A 539 -6.60 -30.65 14.61
C SER A 539 -5.49 -30.88 13.56
N GLU A 540 -5.13 -29.85 12.79
CA GLU A 540 -4.14 -30.01 11.72
C GLU A 540 -2.80 -29.63 12.39
N LYS A 541 -1.68 -29.79 11.67
CA LYS A 541 -0.36 -29.60 12.26
C LYS A 541 0.42 -28.49 11.64
N VAL A 542 1.25 -27.94 12.53
CA VAL A 542 2.23 -26.93 12.20
C VAL A 542 3.59 -27.63 12.39
N THR A 543 4.51 -27.41 11.46
CA THR A 543 5.86 -28.00 11.59
C THR A 543 6.92 -26.89 11.50
N LYS A 544 8.05 -27.12 12.17
CA LYS A 544 9.20 -26.24 12.11
C LYS A 544 10.47 -27.07 12.18
N ILE A 545 11.38 -26.81 11.24
CA ILE A 545 12.58 -27.58 11.11
C ILE A 545 13.79 -26.92 11.78
N CYS A 546 14.43 -27.69 12.66
CA CYS A 546 15.69 -27.36 13.26
C CYS A 546 16.81 -28.06 12.46
N ASP A 547 17.63 -27.30 11.72
CA ASP A 547 18.55 -27.87 10.79
C ASP A 547 19.73 -28.61 11.47
N GLN A 548 20.54 -29.31 10.65
CA GLN A 548 21.63 -30.16 11.15
C GLN A 548 22.69 -29.32 11.94
N ASP A 549 22.67 -27.99 11.82
CA ASP A 549 23.61 -27.15 12.55
C ASP A 549 23.03 -26.49 13.79
N GLY A 550 21.79 -26.79 14.13
CA GLY A 550 21.22 -26.12 15.23
C GLY A 550 20.68 -24.74 14.94
N ASN A 551 20.31 -24.45 13.67
CA ASN A 551 19.62 -23.20 13.32
C ASN A 551 18.24 -23.50 12.80
N TRP A 552 17.29 -22.69 13.17
CA TRP A 552 15.94 -22.92 12.68
C TRP A 552 15.96 -22.65 11.15
N PHE A 553 15.23 -23.45 10.42
CA PHE A 553 15.15 -23.37 8.95
C PHE A 553 14.72 -21.96 8.49
N ARG A 554 15.40 -21.49 7.45
CA ARG A 554 14.99 -20.21 6.81
C ARG A 554 14.45 -20.53 5.44
N HIS A 555 13.34 -19.91 5.06
CA HIS A 555 12.78 -20.19 3.73
C HIS A 555 13.72 -19.58 2.68
N PRO A 556 14.07 -20.33 1.66
CA PRO A 556 15.05 -19.77 0.70
C PRO A 556 14.51 -18.61 -0.15
N ALA A 557 13.19 -18.40 -0.21
CA ALA A 557 12.63 -17.30 -0.97
C ALA A 557 12.84 -15.99 -0.28
N SER A 558 12.90 -16.01 1.03
CA SER A 558 13.08 -14.81 1.80
C SER A 558 14.35 -14.75 2.63
N ASN A 559 15.00 -15.89 2.87
CA ASN A 559 16.02 -16.00 3.91
C ASN A 559 15.61 -15.64 5.34
N ARG A 560 14.30 -15.70 5.61
CA ARG A 560 13.80 -15.47 6.95
C ARG A 560 13.49 -16.81 7.63
N THR A 561 13.73 -16.89 8.95
CA THR A 561 13.34 -18.04 9.72
C THR A 561 11.88 -18.31 9.55
N TRP A 562 11.48 -19.53 9.24
CA TRP A 562 10.14 -19.76 8.69
C TRP A 562 9.53 -21.06 9.23
N THR A 563 8.37 -20.92 9.87
CA THR A 563 7.53 -22.00 10.34
C THR A 563 6.51 -22.34 9.25
N ASN A 564 6.17 -23.64 9.13
CA ASN A 564 5.23 -24.08 8.09
C ASN A 564 3.80 -24.19 8.67
N TYR A 565 2.96 -23.19 8.42
CA TYR A 565 1.53 -23.15 8.76
C TYR A 565 0.60 -23.57 7.62
N THR A 566 1.14 -24.09 6.52
CA THR A 566 0.39 -24.32 5.31
C THR A 566 -0.73 -25.32 5.45
N GLN A 567 -0.66 -26.20 6.43
CA GLN A 567 -1.69 -27.22 6.60
C GLN A 567 -2.88 -26.75 7.50
N CYS A 568 -2.75 -25.59 8.14
CA CYS A 568 -3.72 -25.10 9.12
C CYS A 568 -4.97 -24.64 8.43
N ASN A 569 -4.78 -24.26 7.18
CA ASN A 569 -5.66 -23.38 6.44
C ASN A 569 -6.47 -24.09 5.38
N VAL A 570 -6.45 -25.43 5.32
CA VAL A 570 -6.83 -26.20 4.08
C VAL A 570 -8.28 -26.70 4.03
N ASP B 11 -16.49 -17.56 19.43
CA ASP B 11 -15.81 -18.19 18.26
C ASP B 11 -16.05 -17.43 16.93
N LYS B 12 -17.26 -16.91 16.74
CA LYS B 12 -17.49 -15.88 15.71
C LYS B 12 -16.82 -14.53 16.14
N ASP B 13 -16.45 -14.39 17.42
CA ASP B 13 -15.65 -13.25 17.87
C ASP B 13 -14.16 -13.37 17.42
N LYS B 14 -13.69 -14.54 16.97
CA LYS B 14 -12.37 -14.68 16.36
C LYS B 14 -12.33 -14.06 14.98
N ASP B 15 -11.13 -13.62 14.59
CA ASP B 15 -10.91 -13.13 13.23
C ASP B 15 -11.24 -14.24 12.24
N ASN B 16 -11.90 -13.83 11.15
CA ASN B 16 -12.36 -14.78 10.15
C ASN B 16 -11.33 -15.59 9.41
N VAL B 17 -10.33 -14.90 8.91
CA VAL B 17 -9.40 -15.46 7.94
C VAL B 17 -7.98 -15.23 8.38
N ALA B 18 -7.18 -16.27 8.51
CA ALA B 18 -5.79 -16.08 8.84
C ALA B 18 -5.10 -15.26 7.70
N PRO B 19 -4.26 -14.28 8.05
CA PRO B 19 -3.63 -13.50 7.02
C PRO B 19 -2.65 -14.37 6.19
N ARG B 20 -2.89 -14.39 4.90
CA ARG B 20 -2.11 -15.21 3.98
C ARG B 20 -0.67 -14.81 3.97
N SER B 21 -0.44 -13.51 4.14
CA SER B 21 0.95 -13.04 4.09
C SER B 21 1.79 -13.65 5.19
N LYS B 22 1.19 -14.02 6.32
CA LYS B 22 1.94 -14.55 7.44
C LYS B 22 2.30 -16.05 7.26
N ILE B 23 1.58 -16.70 6.36
CA ILE B 23 1.80 -18.11 6.02
C ILE B 23 2.79 -18.24 4.89
N SER B 24 2.86 -17.20 4.01
CA SER B 24 3.75 -17.17 2.89
C SER B 24 5.22 -17.24 3.32
N PRO B 25 6.10 -17.50 2.36
CA PRO B 25 7.54 -17.56 2.67
C PRO B 25 8.09 -16.27 3.26
N GLN B 26 7.39 -15.14 3.10
CA GLN B 26 7.79 -13.85 3.64
CA GLN B 26 7.87 -13.87 3.67
C GLN B 26 7.31 -13.67 5.12
N GLY B 27 6.42 -14.55 5.58
CA GLY B 27 5.76 -14.38 6.86
C GLY B 27 6.41 -15.11 8.00
N TYR B 28 5.61 -15.65 8.89
CA TYR B 28 6.11 -16.32 10.06
C TYR B 28 6.58 -17.76 9.75
N NH2 B 29 5.87 -18.46 8.83
C1 GLC C . -2.45 3.89 -11.56
C2 GLC C . -2.20 5.38 -11.41
C3 GLC C . -1.39 5.68 -10.18
C4 GLC C . -1.88 4.91 -8.95
C5 GLC C . -1.98 3.43 -9.19
C6 GLC C . -2.75 2.75 -8.09
O1 GLC C . -1.29 3.31 -11.93
O2 GLC C . -1.40 5.87 -12.50
O3 GLC C . -1.37 7.11 -9.98
O4 GLC C . -1.00 5.16 -7.81
O5 GLC C . -2.84 3.20 -10.36
O6 GLC C . -2.49 1.36 -8.03
C1 GLC C . -1.46 6.13 -6.88
C2 GLC C . -0.25 6.99 -6.49
C3 GLC C . 0.82 6.08 -5.89
C4 GLC C . 0.25 5.42 -4.66
C5 GLC C . -1.03 4.66 -5.07
C6 GLC C . -1.79 4.09 -3.85
O2 GLC C . 0.35 7.59 -7.67
O3 GLC C . 1.98 6.86 -5.55
O4 GLC C . 1.20 4.52 -4.05
O5 GLC C . -1.95 5.51 -5.72
O6 GLC C . -2.81 3.15 -4.16
C1 EDO D . 0.65 1.04 16.73
O1 EDO D . 1.03 0.58 15.41
C2 EDO D . 0.84 2.56 16.86
O2 EDO D . 2.24 2.80 16.90
C1 EDO E . 0.80 -2.37 -22.76
O1 EDO E . -0.08 -1.65 -23.62
C2 EDO E . 0.08 -2.98 -21.55
O2 EDO E . -0.45 -2.01 -20.60
C1 EDO F . 7.54 11.20 5.35
O1 EDO F . 8.23 9.92 5.05
C2 EDO F . 8.25 12.36 4.65
O2 EDO F . 9.69 12.53 4.40
C1 EDO G . -1.41 -18.56 26.49
O1 EDO G . -0.41 -19.42 25.93
C2 EDO G . -1.23 -18.49 28.01
O2 EDO G . -1.96 -19.66 28.46
C1 EDO H . 6.42 -22.67 27.11
O1 EDO H . 5.54 -22.83 25.96
C2 EDO H . 5.55 -22.18 28.26
O2 EDO H . 5.07 -23.19 29.22
#